data_1O3Q
#
_entry.id   1O3Q
#
_cell.length_a   77.150
_cell.length_b   77.150
_cell.length_c   143.200
_cell.angle_alpha   90.00
_cell.angle_beta   90.00
_cell.angle_gamma   120.00
#
_symmetry.space_group_name_H-M   'P 31 2 1'
#
loop_
_entity.id
_entity.type
_entity.pdbx_description
1 polymer "5'-D(*AP*AP*AP*AP*AP*TP*GP*TP*GP*AP*T)-3'"
2 polymer "5'-D(*CP*TP*AP*GP*AP*TP*CP*AP*CP*AP*TP*TP*TP*TP*T)-3'"
3 polymer 'CATABOLITE GENE ACTIVATOR PROTEIN'
4 non-polymer "ADENOSINE-3',5'-CYCLIC-MONOPHOSPHATE"
5 water water
#
loop_
_entity_poly.entity_id
_entity_poly.type
_entity_poly.pdbx_seq_one_letter_code
_entity_poly.pdbx_strand_id
1 'polydeoxyribonucleotide' (DA)(DA)(DA)(DA)(DA)(DT)(DG)(DT)(DG)(DA)(DT) B
2 'polydeoxyribonucleotide' (DC)(DT)(DA)(DG)(DA)(DT)(DC)(DA)(DC)(DA)(DT)(DT)(DT)(DT)(DT) C
3 'polypeptide(L)'
;DPTLEWFLSHCHIHKYPSKSTLIHQGEKAETLYYIVKGSVAVLIKDEEGKEMILSYLNQGDFIGELGLFEEGQERSAWVR
AKTACEVAEISYKKFRQLIQVNPDILMRLSAQMARRLQVTSEKVGNLAFLDVTGRIAQTLLNLAKQPDAMTHPDGMQIKI
TRQEIGQIVGCSRETVGRILKMLEDQNLISAHGKTIVVYG
;
A
#
loop_
_chem_comp.id
_chem_comp.type
_chem_comp.name
_chem_comp.formula
CMP non-polymer ADENOSINE-3',5'-CYCLIC-MONOPHOSPHATE 'C10 H12 N5 O6 P'
DA DNA linking 2'-DEOXYADENOSINE-5'-MONOPHOSPHATE 'C10 H14 N5 O6 P'
DC DNA linking 2'-DEOXYCYTIDINE-5'-MONOPHOSPHATE 'C9 H14 N3 O7 P'
DG DNA linking 2'-DEOXYGUANOSINE-5'-MONOPHOSPHATE 'C10 H14 N5 O7 P'
DT DNA linking THYMIDINE-5'-MONOPHOSPHATE 'C10 H15 N2 O8 P'
#
# COMPACT_ATOMS: atom_id res chain seq x y z
N ASP C 1 11.24 -6.86 19.10
CA ASP C 1 12.63 -7.41 19.00
C ASP C 1 13.66 -6.31 19.25
N PRO C 2 14.84 -6.70 19.75
CA PRO C 2 15.90 -5.72 20.02
C PRO C 2 16.18 -4.89 18.77
N THR C 3 17.13 -5.38 17.95
CA THR C 3 17.56 -4.72 16.70
C THR C 3 16.64 -3.68 16.09
N LEU C 4 15.33 -3.94 16.07
CA LEU C 4 14.37 -2.98 15.51
C LEU C 4 14.46 -1.63 16.23
N GLU C 5 14.47 -1.68 17.56
CA GLU C 5 14.55 -0.48 18.39
C GLU C 5 15.92 0.18 18.44
N TRP C 6 16.94 -0.50 17.97
CA TRP C 6 18.26 0.09 17.94
C TRP C 6 18.22 0.98 16.70
N PHE C 7 17.63 0.43 15.65
CA PHE C 7 17.46 1.14 14.40
C PHE C 7 16.56 2.32 14.71
N LEU C 8 15.38 2.04 15.25
CA LEU C 8 14.46 3.12 15.57
C LEU C 8 15.21 4.22 16.32
N SER C 9 15.87 3.84 17.41
CA SER C 9 16.63 4.77 18.21
C SER C 9 17.55 5.68 17.38
N HIS C 10 17.65 5.43 16.07
CA HIS C 10 18.49 6.26 15.21
C HIS C 10 17.70 6.94 14.13
N CYS C 11 16.40 7.07 14.35
CA CYS C 11 15.51 7.70 13.38
C CYS C 11 14.76 8.86 14.01
N HIS C 12 14.40 9.84 13.19
CA HIS C 12 13.61 10.97 13.64
C HIS C 12 12.19 10.46 13.38
N ILE C 13 11.31 10.55 14.35
CA ILE C 13 9.96 10.11 14.06
C ILE C 13 9.19 11.36 13.58
N HIS C 14 8.24 11.15 12.68
CA HIS C 14 7.42 12.24 12.11
C HIS C 14 5.97 11.75 12.00
N LYS C 15 5.03 12.68 12.01
CA LYS C 15 3.65 12.29 11.88
C LYS C 15 3.17 12.97 10.61
N TYR C 16 2.26 12.31 9.91
CA TYR C 16 1.65 12.85 8.70
C TYR C 16 0.19 12.61 8.92
N PRO C 17 -0.67 13.49 8.39
CA PRO C 17 -2.10 13.29 8.58
C PRO C 17 -2.71 12.64 7.35
N SER C 18 -3.79 11.88 7.54
CA SER C 18 -4.42 11.23 6.41
C SER C 18 -4.51 12.17 5.20
N LYS C 19 -4.28 11.60 4.02
CA LYS C 19 -4.31 12.30 2.75
C LYS C 19 -3.04 13.07 2.48
N SER C 20 -2.18 13.25 3.46
CA SER C 20 -0.96 13.98 3.16
C SER C 20 -0.01 13.13 2.30
N THR C 21 1.08 13.71 1.85
CA THR C 21 2.01 12.96 1.02
C THR C 21 3.42 12.89 1.57
N LEU C 22 3.87 11.67 1.87
CA LEU C 22 5.18 11.41 2.40
C LEU C 22 6.29 11.40 1.38
N ILE C 23 5.98 10.88 0.20
CA ILE C 23 7.00 10.82 -0.82
C ILE C 23 6.54 11.34 -2.15
N HIS C 24 7.38 12.19 -2.73
CA HIS C 24 7.06 12.82 -4.01
C HIS C 24 7.75 12.08 -5.13
N GLN C 25 6.96 11.64 -6.08
CA GLN C 25 7.50 10.88 -7.18
C GLN C 25 8.51 11.66 -7.97
N GLY C 26 9.60 11.00 -8.33
CA GLY C 26 10.63 11.61 -9.12
C GLY C 26 11.56 12.54 -8.40
N GLU C 27 11.29 12.82 -7.12
CA GLU C 27 12.16 13.69 -6.34
C GLU C 27 13.45 12.90 -6.12
N LYS C 28 14.53 13.57 -5.74
CA LYS C 28 15.78 12.86 -5.47
C LYS C 28 15.55 12.09 -4.20
N ALA C 29 16.13 10.89 -4.08
CA ALA C 29 15.93 10.07 -2.89
C ALA C 29 17.14 10.02 -1.97
N GLU C 30 16.92 10.30 -0.70
CA GLU C 30 18.00 10.32 0.25
C GLU C 30 17.56 9.84 1.60
N THR C 31 16.26 9.59 1.74
CA THR C 31 15.77 9.14 3.01
C THR C 31 15.06 7.81 2.93
N LEU C 32 15.01 7.12 4.04
CA LEU C 32 14.35 5.84 4.10
C LEU C 32 13.30 5.98 5.19
N TYR C 33 12.11 5.46 4.95
CA TYR C 33 11.05 5.57 5.94
C TYR C 33 10.74 4.19 6.55
N TYR C 34 10.17 4.19 7.74
CA TYR C 34 9.75 2.97 8.40
C TYR C 34 8.42 3.35 9.02
N ILE C 35 7.36 2.63 8.71
CA ILE C 35 6.09 3.01 9.27
C ILE C 35 5.93 2.38 10.64
N VAL C 36 5.88 3.25 11.65
CA VAL C 36 5.73 2.87 13.04
C VAL C 36 4.27 2.68 13.37
N LYS C 37 3.40 3.34 12.61
CA LYS C 37 1.95 3.23 12.79
C LYS C 37 1.20 4.01 11.71
N GLY C 38 0.06 3.48 11.30
CA GLY C 38 -0.70 4.12 10.25
C GLY C 38 -0.62 3.39 8.92
N SER C 39 -1.27 3.92 7.90
CA SER C 39 -1.25 3.26 6.61
C SER C 39 -1.07 4.21 5.45
N VAL C 40 -0.31 3.77 4.46
CA VAL C 40 -0.01 4.57 3.29
C VAL C 40 -0.32 3.83 2.00
N ALA C 41 -0.38 4.58 0.91
CA ALA C 41 -0.64 4.00 -0.39
C ALA C 41 0.46 4.45 -1.33
N VAL C 42 1.07 3.47 -1.96
CA VAL C 42 2.10 3.73 -2.94
C VAL C 42 1.31 3.88 -4.21
N LEU C 43 1.48 4.97 -4.94
CA LEU C 43 0.71 5.06 -6.16
C LEU C 43 1.48 5.68 -7.32
N ILE C 44 1.12 5.29 -8.54
CA ILE C 44 1.74 5.84 -9.76
C ILE C 44 0.66 6.53 -10.57
N LYS C 45 1.04 7.45 -11.46
CA LYS C 45 0.03 8.18 -12.23
C LYS C 45 0.30 8.18 -13.71
N ASP C 46 -0.69 8.57 -14.50
CA ASP C 46 -0.50 8.66 -15.94
C ASP C 46 -0.58 10.12 -16.29
N GLU C 47 -0.17 10.47 -17.51
CA GLU C 47 -0.17 11.86 -17.97
C GLU C 47 -1.45 12.61 -17.57
N GLU C 48 -2.60 12.03 -17.86
CA GLU C 48 -3.88 12.62 -17.51
C GLU C 48 -3.92 12.90 -16.02
N GLY C 49 -3.09 12.20 -15.25
CA GLY C 49 -3.10 12.38 -13.80
C GLY C 49 -3.89 11.28 -13.10
N LYS C 50 -4.41 10.32 -13.87
CA LYS C 50 -5.15 9.21 -13.29
C LYS C 50 -4.20 8.38 -12.45
N GLU C 51 -4.70 7.93 -11.30
CA GLU C 51 -3.88 7.17 -10.39
C GLU C 51 -4.02 5.67 -10.45
N MET C 52 -3.02 4.97 -9.91
CA MET C 52 -2.95 3.53 -9.87
C MET C 52 -2.24 3.07 -8.59
N ILE C 53 -2.99 2.51 -7.67
CA ILE C 53 -2.44 2.06 -6.39
C ILE C 53 -1.66 0.76 -6.57
N LEU C 54 -0.35 0.86 -6.41
CA LEU C 54 0.58 -0.26 -6.56
C LEU C 54 0.58 -1.12 -5.32
N SER C 55 0.12 -0.55 -4.22
CA SER C 55 0.15 -1.27 -2.98
C SER C 55 -0.20 -0.40 -1.80
N TYR C 56 -0.44 -1.06 -0.69
CA TYR C 56 -0.70 -0.40 0.58
C TYR C 56 0.50 -0.83 1.43
N LEU C 57 0.74 -0.15 2.54
CA LEU C 57 1.82 -0.55 3.44
C LEU C 57 1.39 -0.16 4.83
N ASN C 58 1.84 -0.91 5.85
CA ASN C 58 1.41 -0.66 7.22
C ASN C 58 2.48 -0.76 8.27
N GLN C 59 2.06 -0.74 9.54
CA GLN C 59 3.00 -0.84 10.64
C GLN C 59 4.00 -1.88 10.18
N GLY C 60 5.26 -1.65 10.46
CA GLY C 60 6.22 -2.65 10.08
C GLY C 60 6.91 -2.44 8.77
N ASP C 61 6.26 -1.77 7.82
CA ASP C 61 6.87 -1.59 6.50
C ASP C 61 7.92 -0.50 6.25
N PHE C 62 8.90 -0.80 5.40
CA PHE C 62 9.92 0.18 5.01
C PHE C 62 9.44 0.91 3.75
N ILE C 63 9.74 2.19 3.62
CA ILE C 63 9.35 2.96 2.43
C ILE C 63 10.54 3.77 2.01
N GLY C 64 10.64 4.07 0.72
CA GLY C 64 11.75 4.86 0.25
C GLY C 64 13.04 4.08 0.24
N GLU C 65 12.98 2.82 -0.21
CA GLU C 65 14.19 1.99 -0.26
C GLU C 65 14.76 1.80 -1.66
N LEU C 66 13.90 1.74 -2.66
CA LEU C 66 14.39 1.46 -4.00
C LEU C 66 15.50 2.38 -4.41
N GLY C 67 15.42 3.64 -3.99
CA GLY C 67 16.45 4.59 -4.35
C GLY C 67 17.58 4.59 -3.33
N LEU C 68 17.84 3.42 -2.76
CA LEU C 68 18.87 3.29 -1.74
C LEU C 68 20.11 2.56 -2.21
N PHE C 69 20.10 2.01 -3.42
CA PHE C 69 21.27 1.25 -3.86
C PHE C 69 22.07 1.85 -5.01
N GLU C 70 21.76 3.09 -5.37
CA GLU C 70 22.50 3.72 -6.46
C GLU C 70 22.36 5.25 -6.45
N GLU C 71 23.50 5.93 -6.49
CA GLU C 71 23.56 7.38 -6.47
C GLU C 71 22.64 8.04 -7.50
N GLY C 72 21.90 9.03 -7.03
CA GLY C 72 21.01 9.77 -7.89
C GLY C 72 19.72 9.06 -8.24
N GLN C 73 19.26 8.24 -7.31
CA GLN C 73 18.03 7.52 -7.55
C GLN C 73 16.89 8.50 -7.32
N GLU C 74 15.83 8.35 -8.09
CA GLU C 74 14.68 9.20 -7.91
C GLU C 74 13.53 8.35 -7.41
N ARG C 75 12.63 8.96 -6.67
CA ARG C 75 11.51 8.23 -6.14
C ARG C 75 10.65 7.65 -7.30
N SER C 76 10.32 6.37 -7.18
CA SER C 76 9.59 5.67 -8.20
C SER C 76 8.11 5.88 -8.18
N ALA C 77 7.56 6.27 -7.05
CA ALA C 77 6.14 6.48 -7.01
C ALA C 77 5.82 7.45 -5.88
N TRP C 78 4.56 7.85 -5.79
CA TRP C 78 4.13 8.75 -4.75
C TRP C 78 3.69 7.88 -3.59
N VAL C 79 3.86 8.39 -2.38
CA VAL C 79 3.40 7.69 -1.20
C VAL C 79 2.50 8.66 -0.45
N ARG C 80 1.23 8.28 -0.29
CA ARG C 80 0.22 9.11 0.38
C ARG C 80 -0.26 8.36 1.61
N ALA C 81 -0.62 9.11 2.64
CA ALA C 81 -1.09 8.52 3.87
C ALA C 81 -2.55 8.10 3.76
N LYS C 82 -2.78 6.84 4.03
CA LYS C 82 -4.11 6.28 3.95
C LYS C 82 -4.77 6.76 5.21
N THR C 83 -4.01 6.70 6.29
CA THR C 83 -4.50 7.14 7.60
C THR C 83 -3.44 7.99 8.26
N ALA C 84 -3.75 8.48 9.45
CA ALA C 84 -2.80 9.28 10.18
C ALA C 84 -1.59 8.39 10.43
N CYS C 85 -0.39 8.91 10.19
CA CYS C 85 0.81 8.11 10.37
C CYS C 85 1.91 8.65 11.26
N GLU C 86 2.72 7.72 11.73
CA GLU C 86 3.87 7.97 12.56
C GLU C 86 4.91 7.17 11.74
N VAL C 87 5.90 7.87 11.18
CA VAL C 87 6.90 7.22 10.35
C VAL C 87 8.31 7.54 10.82
N ALA C 88 9.12 6.52 11.02
CA ALA C 88 10.50 6.72 11.40
C ALA C 88 11.22 7.07 10.13
N GLU C 89 12.13 8.01 10.23
CA GLU C 89 12.88 8.44 9.07
C GLU C 89 14.35 8.46 9.46
N ILE C 90 15.20 8.19 8.50
CA ILE C 90 16.63 8.13 8.71
C ILE C 90 17.27 8.36 7.37
N SER C 91 18.38 9.07 7.39
CA SER C 91 19.08 9.37 6.15
C SER C 91 19.57 8.08 5.51
N TYR C 92 19.75 8.10 4.20
CA TYR C 92 20.27 6.91 3.53
C TYR C 92 21.63 6.69 4.15
N LYS C 93 22.46 7.73 4.06
CA LYS C 93 23.82 7.74 4.60
C LYS C 93 23.89 7.15 5.99
N LYS C 94 23.07 7.70 6.89
CA LYS C 94 23.02 7.20 8.26
C LYS C 94 22.73 5.72 8.22
N PHE C 95 21.59 5.34 7.63
CA PHE C 95 21.19 3.94 7.53
C PHE C 95 22.32 3.04 7.05
N ARG C 96 22.95 3.41 5.94
CA ARG C 96 24.04 2.60 5.41
C ARG C 96 24.98 2.15 6.53
N GLN C 97 25.35 3.09 7.38
CA GLN C 97 26.23 2.77 8.49
C GLN C 97 25.64 1.64 9.37
N LEU C 98 24.44 1.83 9.90
CA LEU C 98 23.80 0.81 10.74
C LEU C 98 24.06 -0.59 10.17
N ILE C 99 23.82 -0.73 8.87
CA ILE C 99 24.02 -2.01 8.17
C ILE C 99 25.42 -2.57 8.49
N GLN C 100 26.44 -1.75 8.24
CA GLN C 100 27.81 -2.16 8.48
C GLN C 100 27.95 -2.69 9.88
N VAL C 101 27.38 -2.01 10.85
CA VAL C 101 27.52 -2.51 12.21
C VAL C 101 26.56 -3.64 12.43
N ASN C 102 25.48 -3.67 11.66
CA ASN C 102 24.48 -4.73 11.81
C ASN C 102 23.81 -5.08 10.49
N PRO C 103 24.23 -6.20 9.87
CA PRO C 103 23.69 -6.68 8.59
C PRO C 103 22.29 -7.30 8.66
N ASP C 104 21.69 -7.32 9.85
CA ASP C 104 20.36 -7.89 10.02
C ASP C 104 19.34 -6.92 9.47
N ILE C 105 19.55 -5.64 9.75
CA ILE C 105 18.61 -4.63 9.31
C ILE C 105 18.51 -4.69 7.79
N LEU C 106 19.64 -4.70 7.11
CA LEU C 106 19.66 -4.75 5.67
C LEU C 106 18.96 -6.00 5.15
N MET C 107 19.11 -7.09 5.90
CA MET C 107 18.49 -8.36 5.54
C MET C 107 16.99 -8.15 5.60
N ARG C 108 16.51 -7.70 6.77
CA ARG C 108 15.08 -7.42 7.01
C ARG C 108 14.41 -6.54 5.95
N LEU C 109 15.18 -5.61 5.41
CA LEU C 109 14.65 -4.71 4.41
C LEU C 109 14.43 -5.55 3.17
N SER C 110 15.52 -6.18 2.71
CA SER C 110 15.56 -7.05 1.52
C SER C 110 14.45 -8.11 1.49
N ALA C 111 14.08 -8.62 2.66
CA ALA C 111 13.01 -9.56 2.75
C ALA C 111 11.76 -8.86 2.21
N GLN C 112 11.54 -7.65 2.73
CA GLN C 112 10.40 -6.84 2.32
C GLN C 112 10.38 -6.53 0.85
N MET C 113 11.53 -6.24 0.27
CA MET C 113 11.58 -5.97 -1.17
C MET C 113 11.19 -7.28 -1.89
N ALA C 114 11.71 -8.39 -1.37
CA ALA C 114 11.44 -9.73 -1.91
C ALA C 114 9.96 -9.99 -1.91
N ARG C 115 9.32 -9.75 -0.76
CA ARG C 115 7.89 -9.95 -0.63
C ARG C 115 7.19 -9.05 -1.65
N ARG C 116 7.63 -7.80 -1.72
CA ARG C 116 7.02 -6.89 -2.66
C ARG C 116 7.09 -7.34 -4.10
N LEU C 117 8.26 -7.83 -4.51
CA LEU C 117 8.41 -8.28 -5.87
C LEU C 117 7.37 -9.35 -6.18
N GLN C 118 7.06 -10.18 -5.19
CA GLN C 118 6.07 -11.24 -5.42
C GLN C 118 4.68 -10.65 -5.66
N VAL C 119 4.22 -9.79 -4.77
CA VAL C 119 2.92 -9.19 -4.90
C VAL C 119 2.79 -8.42 -6.21
N THR C 120 3.82 -7.67 -6.56
CA THR C 120 3.73 -6.88 -7.78
C THR C 120 3.72 -7.78 -8.97
N SER C 121 4.49 -8.85 -8.90
CA SER C 121 4.50 -9.77 -10.02
C SER C 121 3.12 -10.42 -10.11
N GLU C 122 2.57 -10.79 -8.97
CA GLU C 122 1.26 -11.39 -8.89
C GLU C 122 0.25 -10.46 -9.47
N LYS C 123 0.45 -9.18 -9.19
CA LYS C 123 -0.47 -8.15 -9.64
C LYS C 123 -0.36 -7.98 -11.17
N VAL C 124 0.82 -8.28 -11.71
CA VAL C 124 1.01 -8.18 -13.14
C VAL C 124 0.20 -9.30 -13.77
N GLY C 125 0.24 -10.47 -13.18
CA GLY C 125 -0.52 -11.57 -13.72
C GLY C 125 -1.98 -11.19 -13.73
N ASN C 126 -2.46 -10.82 -12.55
CA ASN C 126 -3.85 -10.43 -12.34
C ASN C 126 -4.41 -9.57 -13.46
N LEU C 127 -3.69 -8.54 -13.85
CA LEU C 127 -4.15 -7.68 -14.93
C LEU C 127 -4.09 -8.40 -16.28
N ALA C 128 -2.98 -9.04 -16.56
CA ALA C 128 -2.82 -9.73 -17.82
C ALA C 128 -3.85 -10.85 -17.88
N PHE C 129 -4.13 -11.46 -16.73
CA PHE C 129 -5.01 -12.61 -16.68
C PHE C 129 -6.47 -12.55 -16.26
N LEU C 130 -6.88 -11.57 -15.47
CA LEU C 130 -8.28 -11.52 -15.06
C LEU C 130 -9.03 -10.32 -15.60
N ASP C 131 -10.36 -10.43 -15.67
CA ASP C 131 -11.22 -9.32 -16.11
C ASP C 131 -11.52 -8.49 -14.90
N VAL C 132 -12.02 -7.28 -15.11
CA VAL C 132 -12.33 -6.40 -14.01
C VAL C 132 -13.14 -7.07 -12.91
N THR C 133 -14.22 -7.75 -13.31
CA THR C 133 -15.07 -8.42 -12.35
C THR C 133 -14.17 -9.28 -11.51
N GLY C 134 -13.40 -10.13 -12.19
CA GLY C 134 -12.50 -11.05 -11.52
C GLY C 134 -11.54 -10.37 -10.58
N ARG C 135 -11.01 -9.25 -11.03
CA ARG C 135 -10.08 -8.45 -10.25
C ARG C 135 -10.83 -7.82 -9.11
N ILE C 136 -11.90 -7.09 -9.41
CA ILE C 136 -12.69 -6.48 -8.34
C ILE C 136 -13.07 -7.51 -7.27
N ALA C 137 -13.56 -8.66 -7.67
CA ALA C 137 -13.97 -9.69 -6.71
C ALA C 137 -12.86 -10.00 -5.72
N GLN C 138 -11.68 -10.28 -6.27
CA GLN C 138 -10.50 -10.64 -5.50
C GLN C 138 -10.13 -9.52 -4.52
N THR C 139 -10.24 -8.28 -4.98
CA THR C 139 -9.96 -7.17 -4.12
C THR C 139 -10.96 -7.11 -2.92
N LEU C 140 -12.22 -7.47 -3.17
CA LEU C 140 -13.21 -7.44 -2.11
C LEU C 140 -12.94 -8.53 -1.07
N LEU C 141 -12.42 -9.66 -1.52
CA LEU C 141 -12.09 -10.78 -0.61
C LEU C 141 -10.89 -10.44 0.28
N ASN C 142 -9.85 -9.84 -0.30
CA ASN C 142 -8.67 -9.46 0.47
C ASN C 142 -9.05 -8.42 1.50
N LEU C 143 -9.60 -7.29 1.05
CA LEU C 143 -10.00 -6.26 1.98
C LEU C 143 -10.85 -6.85 3.09
N ALA C 144 -11.94 -7.50 2.70
CA ALA C 144 -12.87 -8.12 3.64
C ALA C 144 -12.21 -9.02 4.66
N LYS C 145 -11.04 -9.56 4.35
CA LYS C 145 -10.40 -10.44 5.30
C LYS C 145 -9.17 -9.81 5.96
N GLN C 146 -9.24 -8.51 6.23
CA GLN C 146 -8.15 -7.79 6.88
C GLN C 146 -8.51 -7.29 8.29
N PRO C 147 -7.48 -6.90 9.07
CA PRO C 147 -7.65 -6.40 10.43
C PRO C 147 -8.67 -5.27 10.57
N ASP C 148 -8.77 -4.43 9.54
CA ASP C 148 -9.70 -3.32 9.58
C ASP C 148 -11.12 -3.69 9.15
N ALA C 149 -11.27 -4.75 8.37
CA ALA C 149 -12.61 -5.16 7.93
C ALA C 149 -13.44 -5.25 9.21
N MET C 150 -14.75 -5.03 9.11
CA MET C 150 -15.63 -5.08 10.28
C MET C 150 -16.45 -6.35 10.30
N THR C 151 -16.98 -6.68 11.46
CA THR C 151 -17.82 -7.87 11.65
C THR C 151 -19.24 -7.57 11.20
N HIS C 152 -19.97 -8.59 10.77
CA HIS C 152 -21.34 -8.42 10.28
C HIS C 152 -22.04 -9.76 10.21
N PRO C 153 -23.27 -9.85 10.74
CA PRO C 153 -24.00 -11.13 10.68
C PRO C 153 -23.84 -11.93 9.39
N ASP C 154 -23.88 -11.23 8.25
CA ASP C 154 -23.82 -11.91 6.98
C ASP C 154 -22.44 -12.15 6.36
N GLY C 155 -21.39 -11.66 7.00
CA GLY C 155 -20.05 -11.85 6.48
C GLY C 155 -19.15 -10.81 7.10
N MET C 156 -18.35 -10.14 6.27
CA MET C 156 -17.43 -9.12 6.74
C MET C 156 -17.83 -7.87 5.97
N GLN C 157 -17.68 -6.71 6.61
CA GLN C 157 -18.07 -5.43 6.02
C GLN C 157 -16.87 -4.49 5.78
N ILE C 158 -16.74 -3.95 4.58
CA ILE C 158 -15.63 -3.03 4.33
C ILE C 158 -16.23 -1.70 3.93
N LYS C 159 -15.39 -0.66 3.93
CA LYS C 159 -15.81 0.69 3.57
C LYS C 159 -14.76 1.23 2.62
N ILE C 160 -15.18 1.65 1.43
CA ILE C 160 -14.26 2.15 0.42
C ILE C 160 -15.07 2.68 -0.74
N THR C 161 -14.54 3.67 -1.45
CA THR C 161 -15.25 4.23 -2.59
C THR C 161 -15.00 3.45 -3.84
N ARG C 162 -15.88 3.59 -4.82
CA ARG C 162 -15.75 2.90 -6.08
C ARG C 162 -14.60 3.53 -6.85
N GLN C 163 -14.20 4.73 -6.42
CA GLN C 163 -13.09 5.46 -7.04
C GLN C 163 -11.79 4.73 -6.71
N GLU C 164 -11.50 4.58 -5.43
CA GLU C 164 -10.29 3.89 -5.01
C GLU C 164 -10.27 2.39 -5.43
N ILE C 165 -11.44 1.80 -5.60
CA ILE C 165 -11.45 0.40 -6.01
C ILE C 165 -10.97 0.36 -7.44
N GLY C 166 -11.34 1.36 -8.22
CA GLY C 166 -10.94 1.37 -9.62
C GLY C 166 -9.45 1.59 -9.83
N GLN C 167 -8.84 2.27 -8.87
CA GLN C 167 -7.43 2.59 -8.93
C GLN C 167 -6.62 1.44 -8.37
N ILE C 168 -7.29 0.40 -7.89
CA ILE C 168 -6.57 -0.74 -7.36
C ILE C 168 -6.58 -1.78 -8.48
N VAL C 169 -7.75 -2.05 -9.04
CA VAL C 169 -7.84 -3.01 -10.11
C VAL C 169 -7.51 -2.45 -11.48
N GLY C 170 -7.48 -1.13 -11.59
CA GLY C 170 -7.18 -0.52 -12.85
C GLY C 170 -8.32 -0.44 -13.83
N CYS C 171 -9.43 0.16 -13.42
CA CYS C 171 -10.57 0.34 -14.33
C CYS C 171 -11.20 1.68 -13.97
N SER C 172 -12.27 2.05 -14.66
CA SER C 172 -12.95 3.31 -14.38
C SER C 172 -13.98 3.19 -13.26
N ARG C 173 -14.18 4.28 -12.55
CA ARG C 173 -15.15 4.33 -11.45
C ARG C 173 -16.52 3.87 -11.94
N GLU C 174 -16.92 4.26 -13.15
CA GLU C 174 -18.19 3.85 -13.70
C GLU C 174 -18.25 2.32 -13.81
N THR C 175 -17.15 1.71 -14.23
CA THR C 175 -17.12 0.28 -14.37
C THR C 175 -17.18 -0.46 -13.04
N VAL C 176 -16.60 0.14 -12.00
CA VAL C 176 -16.65 -0.53 -10.70
C VAL C 176 -18.13 -0.68 -10.31
N GLY C 177 -18.85 0.45 -10.31
CA GLY C 177 -20.25 0.45 -9.96
C GLY C 177 -21.11 -0.52 -10.74
N ARG C 178 -20.96 -0.55 -12.06
CA ARG C 178 -21.75 -1.46 -12.87
C ARG C 178 -21.50 -2.88 -12.35
N ILE C 179 -20.24 -3.19 -12.05
CA ILE C 179 -19.85 -4.51 -11.57
C ILE C 179 -20.27 -4.76 -10.14
N LEU C 180 -20.20 -3.74 -9.29
CA LEU C 180 -20.63 -3.91 -7.90
C LEU C 180 -22.11 -4.25 -7.90
N LYS C 181 -22.87 -3.63 -8.79
CA LYS C 181 -24.29 -3.92 -8.86
C LYS C 181 -24.52 -5.34 -9.37
N MET C 182 -23.67 -5.80 -10.28
CA MET C 182 -23.84 -7.15 -10.80
C MET C 182 -23.48 -8.17 -9.72
N LEU C 183 -22.46 -7.86 -8.93
CA LEU C 183 -22.06 -8.77 -7.88
C LEU C 183 -23.17 -8.89 -6.85
N GLU C 184 -23.92 -7.81 -6.65
CA GLU C 184 -25.04 -7.84 -5.72
C GLU C 184 -26.16 -8.67 -6.37
N ASP C 185 -26.46 -8.42 -7.64
CA ASP C 185 -27.47 -9.18 -8.34
C ASP C 185 -27.13 -10.64 -8.26
N GLN C 186 -25.86 -10.97 -8.04
CA GLN C 186 -25.50 -12.37 -7.89
C GLN C 186 -25.48 -12.73 -6.39
N ASN C 187 -26.02 -11.87 -5.54
CA ASN C 187 -26.04 -12.11 -4.10
C ASN C 187 -24.68 -12.40 -3.47
N LEU C 188 -23.61 -11.86 -4.04
CA LEU C 188 -22.31 -12.11 -3.47
C LEU C 188 -21.96 -11.03 -2.47
N ILE C 189 -22.52 -9.86 -2.67
CA ILE C 189 -22.26 -8.75 -1.77
C ILE C 189 -23.51 -7.88 -1.66
N SER C 190 -23.50 -6.95 -0.72
CA SER C 190 -24.59 -6.01 -0.55
C SER C 190 -23.88 -4.67 -0.42
N ALA C 191 -24.20 -3.72 -1.29
CA ALA C 191 -23.51 -2.44 -1.26
C ALA C 191 -24.31 -1.18 -1.12
N HIS C 192 -24.15 -0.50 0.01
CA HIS C 192 -24.83 0.77 0.23
C HIS C 192 -23.76 1.84 0.44
N GLY C 193 -23.69 2.77 -0.51
CA GLY C 193 -22.69 3.81 -0.42
C GLY C 193 -21.30 3.19 -0.41
N LYS C 194 -20.41 3.78 0.38
CA LYS C 194 -19.06 3.29 0.49
C LYS C 194 -19.07 1.97 1.25
N THR C 195 -20.18 1.63 1.88
CA THR C 195 -20.19 0.39 2.62
C THR C 195 -20.59 -0.80 1.74
N ILE C 196 -19.84 -1.89 1.90
CA ILE C 196 -20.07 -3.10 1.15
C ILE C 196 -19.92 -4.26 2.08
N VAL C 197 -20.86 -5.18 2.00
CA VAL C 197 -20.78 -6.37 2.83
C VAL C 197 -20.50 -7.52 1.89
N VAL C 198 -19.37 -8.19 2.12
CA VAL C 198 -18.99 -9.36 1.33
C VAL C 198 -19.54 -10.47 2.17
N TYR C 199 -20.48 -11.22 1.59
CA TYR C 199 -21.16 -12.31 2.26
C TYR C 199 -20.32 -13.51 2.65
N GLY C 200 -20.74 -14.17 3.73
CA GLY C 200 -20.04 -15.35 4.21
C GLY C 200 -20.83 -16.07 5.30
P CMP D . 11.21 4.98 -3.56
O1P CMP D . 11.69 4.56 -4.89
O2P CMP D . 12.10 5.72 -2.66
O5' CMP D . 9.89 5.85 -3.74
C5' CMP D . 8.60 5.24 -3.86
C4' CMP D . 8.47 4.19 -2.82
O4' CMP D . 7.21 3.49 -2.85
C3' CMP D . 9.47 3.11 -3.07
O3' CMP D . 10.73 3.66 -2.78
C2' CMP D . 8.94 2.03 -2.17
O2' CMP D . 9.16 2.32 -0.80
C1' CMP D . 7.44 2.12 -2.49
N9 CMP D . 7.09 1.30 -3.63
C8 CMP D . 7.36 1.59 -4.95
N7 CMP D . 6.95 0.68 -5.78
C5 CMP D . 6.36 -0.27 -4.98
C6 CMP D . 5.70 -1.48 -5.27
N6 CMP D . 5.51 -1.92 -6.51
N1 CMP D . 5.23 -2.20 -4.24
C2 CMP D . 5.41 -1.73 -2.99
N3 CMP D . 5.98 -0.60 -2.59
C4 CMP D . 6.45 0.08 -3.65
P CMP E . -11.65 7.00 -11.64
O1P CMP E . -12.45 6.83 -12.90
O2P CMP E . -11.99 8.10 -10.66
O5' CMP E . -11.72 5.60 -10.84
C5' CMP E . -10.84 4.53 -11.14
C4' CMP E . -9.46 5.09 -11.29
O4' CMP E . -8.42 4.11 -11.55
C3' CMP E . -9.37 6.01 -12.47
O3' CMP E . -10.10 7.17 -12.08
C2' CMP E . -7.86 6.19 -12.59
O2' CMP E . -7.40 7.18 -11.67
C1' CMP E . -7.36 4.77 -12.23
N9 CMP E . -6.94 3.92 -13.35
C8 CMP E . -5.89 3.04 -13.41
N7 CMP E . -5.75 2.47 -14.58
C5 CMP E . -6.77 3.00 -15.34
C6 CMP E . -7.16 2.79 -16.68
N6 CMP E . -6.52 2.01 -17.54
N1 CMP E . -8.27 3.45 -17.12
C2 CMP E . -8.90 4.27 -16.27
N3 CMP E . -8.61 4.56 -15.00
C4 CMP E . -7.53 3.88 -14.60
#